data_4G16
#
_entry.id   4G16
#
_cell.length_a   57.153
_cell.length_b   57.153
_cell.length_c   223.431
_cell.angle_alpha   90.00
_cell.angle_beta   90.00
_cell.angle_gamma   120.00
#
_symmetry.space_group_name_H-M   'P 31 2 1'
#
loop_
_entity.id
_entity.type
_entity.pdbx_description
1 polymer 'Casein kinase I isoform gamma-3'
2 non-polymer 2-[(4-{[3-(trifluoromethyl)pyridin-2-yl]oxy}phenyl)amino]-1H-benzimidazole-6-carbonitrile
3 water water
#
_entity_poly.entity_id   1
_entity_poly.type   'polypeptide(L)'
_entity_poly.pdbx_seq_one_letter_code
;GSGVLMVGPNFRVGKKIGCGNFGELRLGKNLYTNEYVAIKLEPMKSRAPQLHLEYRFYKQLGSGDGIPQVYYFGPCGKYN
AMVLELLGPSLEDLFDLCDRTFSLKTVLMIAIQLISRMEYVHSKNLIYRDVKPENFLIGRPGNKTQQVIHIIDFGLAKEY
IDPETKKHIPYREHKSLTGTARYMSINTHLGKEQSRRDDLEALGHMFMYFLRGSLPWQGLKADTLKERYQKIGDTKRATP
IEVLCENFPEMATYLRYVRRLDFFEKPDYDYLRKLFTDLFDRKGYMFDYEYDWIGKQLPTPVGAVQQDPALSSNREAHQH
RDKMQQSKNQ
;
_entity_poly.pdbx_strand_id   A
#
# COMPACT_ATOMS: atom_id res chain seq x y z
N GLY A 1 16.50 -16.38 31.16
CA GLY A 1 16.79 -15.69 32.46
C GLY A 1 16.89 -14.17 32.25
N SER A 2 16.94 -13.72 31.00
CA SER A 2 17.08 -12.31 30.77
C SER A 2 15.68 -11.68 30.81
N GLY A 3 14.72 -12.40 30.21
CA GLY A 3 13.38 -11.87 30.12
C GLY A 3 13.30 -10.91 28.97
N VAL A 4 14.37 -10.79 28.22
CA VAL A 4 14.34 -9.89 27.10
C VAL A 4 14.40 -10.63 25.79
N LEU A 5 13.55 -10.17 24.88
CA LEU A 5 13.43 -10.76 23.57
C LEU A 5 14.40 -10.16 22.58
N MET A 6 15.13 -11.04 21.92
CA MET A 6 16.11 -10.59 20.95
C MET A 6 15.74 -11.24 19.66
N VAL A 7 16.05 -10.58 18.56
CA VAL A 7 15.78 -11.14 17.26
C VAL A 7 17.14 -11.09 16.62
N GLY A 8 17.61 -12.26 16.20
CA GLY A 8 18.92 -12.32 15.61
C GLY A 8 19.99 -12.04 16.66
N PRO A 9 21.15 -11.52 16.23
CA PRO A 9 22.26 -11.21 17.13
C PRO A 9 22.21 -9.83 17.81
N ASN A 10 21.56 -8.85 17.17
CA ASN A 10 21.57 -7.49 17.69
C ASN A 10 20.25 -6.74 17.87
N PHE A 11 19.12 -7.35 17.55
CA PHE A 11 17.86 -6.62 17.66
C PHE A 11 17.05 -6.85 18.92
N ARG A 12 16.97 -5.82 19.76
CA ARG A 12 16.20 -5.90 20.98
C ARG A 12 14.77 -5.64 20.52
N VAL A 13 13.83 -6.44 21.01
CA VAL A 13 12.42 -6.33 20.68
C VAL A 13 11.74 -5.42 21.69
N GLY A 14 11.06 -4.38 21.18
CA GLY A 14 10.42 -3.44 22.08
C GLY A 14 8.91 -3.49 22.19
N LYS A 15 8.34 -2.39 22.68
CA LYS A 15 6.90 -2.28 22.87
C LYS A 15 6.21 -2.51 21.54
N LYS A 16 4.95 -2.91 21.57
CA LYS A 16 4.33 -3.05 20.29
C LYS A 16 3.73 -1.69 19.99
N ILE A 17 3.78 -1.38 18.71
CA ILE A 17 3.33 -0.11 18.19
C ILE A 17 2.25 -0.21 17.13
N GLY A 18 1.70 0.94 16.78
CA GLY A 18 0.65 0.99 15.78
C GLY A 18 -0.70 0.50 16.31
N CYS A 19 -1.70 0.56 15.44
CA CYS A 19 -3.04 0.14 15.80
C CYS A 19 -3.37 -1.16 15.06
N GLY A 20 -4.27 -1.95 15.63
CA GLY A 20 -4.61 -3.21 15.02
C GLY A 20 -3.57 -4.21 15.49
N ASN A 21 -2.83 -4.79 14.54
CA ASN A 21 -1.79 -5.77 14.83
C ASN A 21 -2.23 -6.81 15.86
N PHE A 22 -2.18 -6.42 17.13
CA PHE A 22 -2.55 -7.29 18.27
C PHE A 22 -1.25 -7.93 18.78
N GLY A 23 -0.14 -7.21 18.57
CA GLY A 23 1.15 -7.68 19.01
C GLY A 23 2.05 -8.01 17.83
N GLU A 24 1.49 -7.89 16.63
CA GLU A 24 2.21 -8.22 15.42
C GLU A 24 3.29 -7.22 14.98
N LEU A 25 3.21 -5.98 15.44
CA LEU A 25 4.27 -5.05 15.07
C LEU A 25 4.81 -4.41 16.32
N ARG A 26 6.13 -4.45 16.46
CA ARG A 26 6.80 -3.92 17.62
C ARG A 26 7.98 -3.03 17.28
N LEU A 27 8.27 -2.08 18.17
CA LEU A 27 9.41 -1.21 17.94
C LEU A 27 10.62 -2.07 18.28
N GLY A 28 11.74 -1.80 17.63
CA GLY A 28 12.92 -2.58 17.92
C GLY A 28 14.13 -1.67 17.84
N LYS A 29 15.23 -2.12 18.42
CA LYS A 29 16.46 -1.35 18.39
C LYS A 29 17.64 -2.21 17.99
N ASN A 30 18.42 -1.72 17.05
CA ASN A 30 19.62 -2.42 16.61
C ASN A 30 20.66 -1.95 17.64
N LEU A 31 20.97 -2.81 18.59
CA LEU A 31 21.94 -2.49 19.64
C LEU A 31 23.33 -2.22 19.13
N TYR A 32 23.68 -2.79 17.98
CA TYR A 32 25.00 -2.61 17.40
C TYR A 32 25.14 -1.23 16.75
N THR A 33 24.05 -0.73 16.18
CA THR A 33 24.09 0.56 15.50
C THR A 33 23.40 1.67 16.27
N ASN A 34 22.63 1.30 17.29
CA ASN A 34 21.93 2.31 18.08
C ASN A 34 20.86 2.98 17.24
N GLU A 35 20.19 2.21 16.40
CA GLU A 35 19.13 2.71 15.55
C GLU A 35 17.85 1.93 15.87
N TYR A 36 16.71 2.58 15.68
CA TYR A 36 15.43 1.93 15.91
C TYR A 36 14.99 1.26 14.62
N VAL A 37 14.19 0.22 14.75
CA VAL A 37 13.70 -0.51 13.59
C VAL A 37 12.29 -0.97 13.89
N ALA A 38 11.63 -1.50 12.86
CA ALA A 38 10.28 -2.03 13.02
C ALA A 38 10.46 -3.55 12.97
N ILE A 39 9.74 -4.26 13.82
CA ILE A 39 9.84 -5.70 13.83
C ILE A 39 8.46 -6.32 13.66
N LYS A 40 8.28 -7.02 12.55
CA LYS A 40 7.02 -7.68 12.26
C LYS A 40 7.14 -9.09 12.83
N LEU A 41 6.17 -9.49 13.65
CA LEU A 41 6.19 -10.84 14.24
C LEU A 41 5.01 -11.67 13.77
N GLU A 42 5.25 -12.96 13.62
CA GLU A 42 4.21 -13.90 13.20
C GLU A 42 4.36 -15.16 14.05
N PRO A 43 3.31 -15.52 14.80
CA PRO A 43 3.44 -16.73 15.62
C PRO A 43 3.81 -17.93 14.73
N MET A 44 4.75 -18.75 15.20
CA MET A 44 5.18 -19.92 14.44
C MET A 44 4.03 -20.89 14.30
N LYS A 45 3.01 -20.66 15.12
CA LYS A 45 1.79 -21.45 15.19
C LYS A 45 0.72 -20.97 14.20
N SER A 46 1.06 -19.97 13.39
CA SER A 46 0.11 -19.44 12.42
C SER A 46 -0.42 -20.46 11.44
N ARG A 47 -1.73 -20.31 11.21
CA ARG A 47 -2.55 -21.12 10.33
C ARG A 47 -2.35 -20.71 8.88
N ALA A 48 -2.05 -19.43 8.71
CA ALA A 48 -1.85 -18.83 7.39
C ALA A 48 -0.57 -18.00 7.43
N PRO A 49 0.58 -18.66 7.27
CA PRO A 49 1.89 -17.99 7.29
C PRO A 49 1.99 -17.04 6.10
N GLN A 50 2.65 -15.91 6.29
CA GLN A 50 2.84 -14.96 5.21
C GLN A 50 4.20 -14.32 5.38
N LEU A 51 4.63 -14.24 6.64
CA LEU A 51 5.89 -13.56 6.93
C LEU A 51 7.11 -13.93 6.13
N HIS A 52 7.53 -15.17 6.14
CA HIS A 52 8.68 -15.40 5.37
C HIS A 52 8.62 -15.30 3.87
N LEU A 53 7.48 -15.50 3.23
CA LEU A 53 7.63 -15.27 1.82
C LEU A 53 7.40 -13.79 1.52
N GLU A 54 6.87 -13.06 2.51
CA GLU A 54 6.74 -11.62 2.34
C GLU A 54 8.22 -11.21 2.28
N TYR A 55 8.99 -11.81 3.18
CA TYR A 55 10.44 -11.60 3.25
C TYR A 55 11.07 -11.91 1.89
N ARG A 56 10.67 -13.04 1.30
CA ARG A 56 11.17 -13.44 -0.01
C ARG A 56 10.77 -12.41 -1.07
N PHE A 57 9.56 -11.87 -0.96
CA PHE A 57 9.11 -10.86 -1.93
C PHE A 57 9.99 -9.63 -1.80
N TYR A 58 10.40 -9.30 -0.57
CA TYR A 58 11.27 -8.15 -0.36
C TYR A 58 12.63 -8.42 -0.96
N LYS A 59 13.09 -9.66 -0.87
CA LYS A 59 14.39 -10.03 -1.44
C LYS A 59 14.33 -9.80 -2.94
N GLN A 60 13.25 -10.29 -3.54
CA GLN A 60 13.03 -10.16 -4.97
C GLN A 60 12.88 -8.71 -5.41
N LEU A 61 12.35 -7.88 -4.52
CA LEU A 61 12.17 -6.47 -4.83
C LEU A 61 13.52 -5.78 -4.84
N GLY A 62 14.36 -6.14 -3.87
CA GLY A 62 15.69 -5.55 -3.78
C GLY A 62 15.66 -4.14 -3.19
N SER A 63 16.82 -3.51 -3.10
CA SER A 63 16.88 -2.16 -2.55
C SER A 63 16.15 -1.24 -3.52
N GLY A 64 15.20 -0.46 -3.03
CA GLY A 64 14.48 0.40 -3.95
C GLY A 64 13.90 1.67 -3.35
N ASP A 65 13.68 2.67 -4.19
CA ASP A 65 13.11 3.93 -3.76
C ASP A 65 11.70 3.71 -3.20
N GLY A 66 11.51 4.10 -1.96
CA GLY A 66 10.20 3.92 -1.37
C GLY A 66 9.95 2.51 -0.87
N ILE A 67 10.97 1.66 -0.91
CA ILE A 67 10.80 0.30 -0.41
C ILE A 67 11.57 0.18 0.91
N PRO A 68 10.86 -0.08 2.02
CA PRO A 68 11.61 -0.20 3.28
C PRO A 68 12.71 -1.25 3.21
N GLN A 69 13.83 -0.94 3.84
CA GLN A 69 14.97 -1.83 3.86
C GLN A 69 14.67 -2.96 4.86
N VAL A 70 15.03 -4.19 4.51
CA VAL A 70 14.82 -5.35 5.37
C VAL A 70 16.17 -5.79 5.93
N TYR A 71 16.26 -5.91 7.25
CA TYR A 71 17.52 -6.27 7.86
C TYR A 71 17.65 -7.71 8.31
N TYR A 72 16.54 -8.33 8.67
CA TYR A 72 16.62 -9.67 9.21
C TYR A 72 15.33 -10.43 9.22
N PHE A 73 15.43 -11.75 9.17
CA PHE A 73 14.27 -12.63 9.24
C PHE A 73 14.78 -13.81 10.05
N GLY A 74 14.20 -14.01 11.23
CA GLY A 74 14.64 -15.12 12.05
C GLY A 74 13.67 -15.41 13.17
N PRO A 75 13.85 -16.54 13.88
CA PRO A 75 12.99 -16.93 14.99
C PRO A 75 13.21 -16.06 16.21
N CYS A 76 12.12 -15.79 16.91
CA CYS A 76 12.13 -14.96 18.09
C CYS A 76 11.13 -15.58 19.04
N GLY A 77 11.63 -16.37 19.99
CA GLY A 77 10.70 -17.03 20.89
C GLY A 77 9.82 -17.91 20.01
N LYS A 78 8.51 -17.87 20.20
CA LYS A 78 7.60 -18.68 19.40
C LYS A 78 7.06 -17.89 18.22
N TYR A 79 7.90 -16.94 17.80
CA TYR A 79 7.59 -16.02 16.69
C TYR A 79 8.60 -16.04 15.58
N ASN A 80 8.16 -15.83 14.33
CA ASN A 80 9.15 -15.71 13.28
C ASN A 80 9.14 -14.20 13.21
N ALA A 81 10.31 -13.60 13.06
CA ALA A 81 10.36 -12.14 13.04
C ALA A 81 11.09 -11.58 11.83
N MET A 82 10.57 -10.46 11.33
CA MET A 82 11.20 -9.78 10.21
C MET A 82 11.51 -8.35 10.68
N VAL A 83 12.80 -8.00 10.67
CA VAL A 83 13.27 -6.71 11.06
C VAL A 83 13.42 -5.86 9.81
N LEU A 84 12.71 -4.73 9.92
CA LEU A 84 12.54 -3.70 8.89
C LEU A 84 12.93 -2.28 9.22
N GLU A 85 13.23 -1.46 8.21
CA GLU A 85 13.56 -0.08 8.49
C GLU A 85 12.29 0.53 9.13
N LEU A 86 12.44 1.35 10.18
CA LEU A 86 11.30 2.01 10.84
C LEU A 86 10.88 3.22 9.99
N LEU A 87 9.60 3.31 9.69
CA LEU A 87 9.10 4.41 8.88
C LEU A 87 8.21 5.31 9.73
N GLY A 88 7.54 6.26 9.09
CA GLY A 88 6.67 7.16 9.81
C GLY A 88 5.23 6.69 9.71
N PRO A 89 4.26 7.57 10.00
CA PRO A 89 2.84 7.29 9.96
C PRO A 89 2.36 6.96 8.54
N SER A 90 1.20 6.32 8.44
CA SER A 90 0.65 5.95 7.15
C SER A 90 -0.18 7.10 6.60
N LEU A 91 -0.59 6.98 5.34
CA LEU A 91 -1.40 8.01 4.73
C LEU A 91 -2.75 8.10 5.42
N GLU A 92 -3.19 6.99 5.99
CA GLU A 92 -4.46 7.00 6.71
C GLU A 92 -4.32 7.80 8.00
N ASP A 93 -3.18 7.62 8.70
CA ASP A 93 -2.94 8.37 9.94
C ASP A 93 -2.91 9.84 9.60
N LEU A 94 -2.20 10.15 8.52
CA LEU A 94 -2.07 11.53 8.09
C LEU A 94 -3.40 12.10 7.62
N PHE A 95 -4.22 11.26 7.02
CA PHE A 95 -5.52 11.68 6.53
C PHE A 95 -6.34 12.16 7.73
N ASP A 96 -6.41 11.32 8.77
CA ASP A 96 -7.14 11.69 9.98
C ASP A 96 -6.59 13.01 10.51
N LEU A 97 -5.28 13.11 10.58
CA LEU A 97 -4.65 14.32 11.05
C LEU A 97 -5.03 15.54 10.22
N CYS A 98 -5.35 15.34 8.95
CA CYS A 98 -5.72 16.46 8.08
C CYS A 98 -7.24 16.54 7.92
N ASP A 99 -7.96 16.03 8.90
CA ASP A 99 -9.44 16.05 8.90
C ASP A 99 -10.12 15.31 7.78
N ARG A 100 -9.49 14.22 7.35
CA ARG A 100 -10.02 13.35 6.31
C ARG A 100 -10.35 13.96 4.94
N THR A 101 -9.37 14.67 4.40
CA THR A 101 -9.45 15.25 3.07
C THR A 101 -8.09 15.86 2.75
N PHE A 102 -7.53 15.49 1.61
CA PHE A 102 -6.24 16.05 1.22
C PHE A 102 -6.48 17.01 0.05
N SER A 103 -5.63 18.03 -0.06
CA SER A 103 -5.74 19.00 -1.14
C SER A 103 -5.30 18.30 -2.40
N LEU A 104 -5.72 18.80 -3.55
CA LEU A 104 -5.34 18.18 -4.81
C LEU A 104 -3.82 18.14 -4.97
N LYS A 105 -3.15 19.20 -4.55
CA LYS A 105 -1.70 19.23 -4.66
C LYS A 105 -1.06 18.08 -3.88
N THR A 106 -1.58 17.80 -2.70
CA THR A 106 -1.04 16.71 -1.89
C THR A 106 -1.35 15.37 -2.55
N VAL A 107 -2.57 15.21 -3.03
CA VAL A 107 -2.96 13.96 -3.66
C VAL A 107 -2.14 13.69 -4.93
N LEU A 108 -1.87 14.73 -5.70
CA LEU A 108 -1.08 14.58 -6.92
C LEU A 108 0.38 14.25 -6.61
N MET A 109 0.93 14.83 -5.53
CA MET A 109 2.31 14.52 -5.17
C MET A 109 2.35 13.05 -4.71
N ILE A 110 1.27 12.59 -4.10
CA ILE A 110 1.14 11.22 -3.64
C ILE A 110 0.94 10.27 -4.83
N ALA A 111 0.02 10.63 -5.71
CA ALA A 111 -0.29 9.84 -6.89
C ALA A 111 0.91 9.64 -7.81
N ILE A 112 1.61 10.73 -8.10
CA ILE A 112 2.80 10.70 -8.98
C ILE A 112 3.84 9.73 -8.41
N GLN A 113 4.00 9.73 -7.09
CA GLN A 113 4.96 8.84 -6.46
C GLN A 113 4.49 7.39 -6.45
N LEU A 114 3.21 7.17 -6.17
CA LEU A 114 2.72 5.81 -6.11
C LEU A 114 2.67 5.10 -7.45
N ILE A 115 2.36 5.83 -8.52
CA ILE A 115 2.36 5.23 -9.85
C ILE A 115 3.76 4.70 -10.12
N SER A 116 4.77 5.48 -9.72
CA SER A 116 6.16 5.06 -9.90
C SER A 116 6.47 3.90 -8.97
N ARG A 117 5.91 3.96 -7.76
CA ARG A 117 6.13 2.93 -6.76
C ARG A 117 5.59 1.59 -7.26
N MET A 118 4.39 1.63 -7.85
CA MET A 118 3.74 0.43 -8.36
C MET A 118 4.43 -0.07 -9.62
N GLU A 119 4.88 0.86 -10.47
CA GLU A 119 5.59 0.48 -11.67
C GLU A 119 6.85 -0.27 -11.26
N TYR A 120 7.49 0.19 -10.17
CA TYR A 120 8.69 -0.48 -9.68
C TYR A 120 8.36 -1.91 -9.27
N VAL A 121 7.34 -2.06 -8.42
CA VAL A 121 6.92 -3.38 -7.97
C VAL A 121 6.66 -4.25 -9.19
N HIS A 122 5.89 -3.72 -10.13
CA HIS A 122 5.56 -4.44 -11.36
C HIS A 122 6.80 -4.80 -12.18
N SER A 123 7.82 -3.95 -12.14
CA SER A 123 9.05 -4.21 -12.89
C SER A 123 9.81 -5.38 -12.29
N LYS A 124 9.46 -5.76 -11.06
CA LYS A 124 10.10 -6.88 -10.39
C LYS A 124 9.22 -8.11 -10.49
N ASN A 125 8.29 -8.07 -11.45
CA ASN A 125 7.36 -9.16 -11.70
C ASN A 125 6.36 -9.46 -10.58
N LEU A 126 6.06 -8.46 -9.77
CA LEU A 126 5.12 -8.64 -8.68
C LEU A 126 3.92 -7.70 -8.80
N ILE A 127 2.75 -8.20 -8.41
CA ILE A 127 1.58 -7.36 -8.37
C ILE A 127 1.32 -7.24 -6.86
N TYR A 128 0.98 -6.04 -6.41
CA TYR A 128 0.78 -5.78 -4.99
C TYR A 128 -0.47 -6.39 -4.37
N ARG A 129 -1.61 -6.02 -4.91
CA ARG A 129 -2.90 -6.54 -4.46
C ARG A 129 -3.39 -6.17 -3.05
N ASP A 130 -2.80 -5.14 -2.44
CA ASP A 130 -3.26 -4.74 -1.11
C ASP A 130 -3.25 -3.22 -0.92
N VAL A 131 -3.72 -2.51 -1.93
CA VAL A 131 -3.76 -1.05 -1.88
C VAL A 131 -4.73 -0.50 -0.84
N LYS A 132 -4.21 0.40 -0.01
CA LYS A 132 -5.00 1.07 1.01
C LYS A 132 -4.11 2.10 1.70
N PRO A 133 -4.69 3.20 2.20
CA PRO A 133 -3.94 4.26 2.88
C PRO A 133 -3.03 3.75 3.99
N GLU A 134 -3.45 2.69 4.66
CA GLU A 134 -2.66 2.13 5.75
C GLU A 134 -1.34 1.49 5.37
N ASN A 135 -1.19 1.09 4.10
CA ASN A 135 0.04 0.46 3.66
C ASN A 135 1.03 1.39 2.98
N PHE A 136 0.76 2.69 3.04
CA PHE A 136 1.65 3.66 2.44
C PHE A 136 2.10 4.57 3.57
N LEU A 137 3.40 4.54 3.86
CA LEU A 137 3.99 5.29 4.96
C LEU A 137 5.07 6.28 4.55
N ILE A 138 5.06 7.45 5.19
CA ILE A 138 6.10 8.44 4.91
C ILE A 138 7.31 7.99 5.74
N GLY A 139 8.46 8.60 5.49
CA GLY A 139 9.67 8.24 6.22
C GLY A 139 9.72 8.90 7.58
N ARG A 140 10.88 8.84 8.22
CA ARG A 140 10.98 9.44 9.53
C ARG A 140 11.55 10.84 9.57
N PRO A 141 11.15 11.61 10.60
CA PRO A 141 11.64 12.98 10.76
C PRO A 141 13.17 12.95 10.88
N GLY A 142 13.85 13.17 9.76
CA GLY A 142 15.31 13.18 9.78
C GLY A 142 16.00 12.15 8.95
N ASN A 143 15.51 10.91 9.02
CA ASN A 143 16.17 9.85 8.25
C ASN A 143 16.04 10.03 6.75
N LYS A 144 16.22 11.27 6.33
CA LYS A 144 16.28 11.61 4.93
C LYS A 144 15.20 11.24 3.98
N THR A 145 14.22 10.46 4.46
CA THR A 145 13.21 10.03 3.55
C THR A 145 11.82 10.29 4.06
N GLN A 146 11.69 11.22 4.98
CA GLN A 146 10.39 11.46 5.55
C GLN A 146 9.37 11.94 4.56
N GLN A 147 9.81 12.56 3.49
CA GLN A 147 8.84 13.03 2.53
C GLN A 147 8.57 11.98 1.45
N VAL A 148 9.32 10.89 1.46
CA VAL A 148 9.09 9.82 0.47
C VAL A 148 7.95 8.91 0.92
N ILE A 149 6.99 8.69 0.05
CA ILE A 149 5.89 7.79 0.38
C ILE A 149 6.36 6.35 0.15
N HIS A 150 6.38 5.56 1.21
CA HIS A 150 6.81 4.17 1.12
C HIS A 150 5.64 3.20 1.00
N ILE A 151 5.92 2.01 0.48
CA ILE A 151 4.91 0.98 0.34
C ILE A 151 5.33 -0.18 1.22
N ILE A 152 4.41 -0.62 2.09
CA ILE A 152 4.70 -1.74 2.99
C ILE A 152 3.69 -2.88 2.88
N ASP A 153 3.98 -3.94 3.63
CA ASP A 153 3.17 -5.16 3.71
C ASP A 153 2.86 -5.80 2.36
N PHE A 154 3.77 -6.67 1.95
CA PHE A 154 3.66 -7.38 0.69
C PHE A 154 3.19 -8.81 0.90
N GLY A 155 2.40 -9.03 1.94
CA GLY A 155 1.88 -10.36 2.25
C GLY A 155 0.90 -10.91 1.22
N LEU A 156 0.13 -10.03 0.59
CA LEU A 156 -0.84 -10.44 -0.42
C LEU A 156 -0.27 -10.37 -1.83
N ALA A 157 1.03 -10.11 -1.95
CA ALA A 157 1.65 -9.99 -3.27
C ALA A 157 1.67 -11.31 -4.02
N LYS A 158 1.92 -11.23 -5.33
CA LYS A 158 1.95 -12.40 -6.18
C LYS A 158 2.82 -12.12 -7.39
N GLU A 159 3.52 -13.16 -7.84
CA GLU A 159 4.39 -13.05 -9.01
C GLU A 159 3.49 -13.21 -10.24
N TYR A 160 3.28 -12.15 -11.01
CA TYR A 160 2.41 -12.26 -12.17
C TYR A 160 3.10 -12.75 -13.43
N ILE A 161 4.42 -12.94 -13.33
CA ILE A 161 5.21 -13.46 -14.44
C ILE A 161 5.80 -14.78 -13.96
N ASP A 162 5.35 -15.90 -14.53
CA ASP A 162 5.88 -17.21 -14.11
C ASP A 162 7.40 -17.12 -14.30
N PRO A 163 8.15 -17.41 -13.22
CA PRO A 163 9.62 -17.35 -13.27
C PRO A 163 10.32 -18.31 -14.24
N GLU A 164 9.67 -19.45 -14.50
CA GLU A 164 10.24 -20.43 -15.42
C GLU A 164 9.80 -20.16 -16.86
N THR A 165 8.48 -20.17 -17.09
CA THR A 165 7.95 -19.91 -18.42
C THR A 165 8.17 -18.49 -18.91
N LYS A 166 8.26 -17.54 -17.98
CA LYS A 166 8.42 -16.14 -18.36
C LYS A 166 7.15 -15.62 -19.04
N LYS A 167 6.03 -16.27 -18.72
CA LYS A 167 4.73 -15.88 -19.25
C LYS A 167 3.92 -15.21 -18.16
N HIS A 168 2.99 -14.35 -18.57
CA HIS A 168 2.12 -13.63 -17.64
C HIS A 168 1.23 -14.73 -17.09
N ILE A 169 0.80 -14.60 -15.83
CA ILE A 169 -0.06 -15.63 -15.28
C ILE A 169 -1.34 -15.68 -16.09
N PRO A 170 -1.94 -16.87 -16.21
CA PRO A 170 -3.17 -17.07 -16.98
C PRO A 170 -4.40 -16.39 -16.38
N TYR A 171 -5.30 -15.97 -17.24
CA TYR A 171 -6.52 -15.34 -16.79
C TYR A 171 -7.36 -16.45 -16.16
N ARG A 172 -8.14 -16.12 -15.15
CA ARG A 172 -9.01 -17.08 -14.50
C ARG A 172 -9.93 -16.35 -13.54
N GLU A 173 -10.99 -17.02 -13.11
CA GLU A 173 -11.95 -16.41 -12.22
C GLU A 173 -12.17 -17.23 -10.96
N HIS A 174 -13.23 -16.91 -10.21
CA HIS A 174 -13.51 -17.64 -9.00
C HIS A 174 -12.39 -17.50 -7.96
N LYS A 175 -11.75 -16.34 -7.89
CA LYS A 175 -10.72 -16.16 -6.88
C LYS A 175 -11.54 -15.70 -5.68
N SER A 176 -11.27 -16.22 -4.48
CA SER A 176 -12.05 -15.81 -3.33
C SER A 176 -11.65 -14.39 -2.92
N LEU A 177 -12.63 -13.64 -2.45
CA LEU A 177 -12.41 -12.25 -2.01
C LEU A 177 -11.86 -12.17 -0.60
N THR A 178 -10.76 -11.44 -0.43
CA THR A 178 -10.14 -11.27 0.88
C THR A 178 -9.63 -9.84 1.14
N GLY A 179 -9.03 -9.23 0.12
CA GLY A 179 -8.50 -7.88 0.27
C GLY A 179 -9.49 -6.89 0.85
N THR A 180 -9.14 -5.61 0.89
CA THR A 180 -10.04 -4.59 1.44
C THR A 180 -11.01 -4.09 0.36
N ALA A 181 -12.30 -4.27 0.62
CA ALA A 181 -13.36 -3.92 -0.32
C ALA A 181 -13.43 -2.49 -0.83
N ARG A 182 -13.25 -1.53 0.07
CA ARG A 182 -13.36 -0.11 -0.29
C ARG A 182 -12.55 0.36 -1.50
N TYR A 183 -11.33 -0.13 -1.64
CA TYR A 183 -10.49 0.31 -2.76
C TYR A 183 -10.37 -0.65 -3.93
N MET A 184 -10.66 -1.93 -3.71
CA MET A 184 -10.49 -2.91 -4.79
C MET A 184 -11.21 -2.62 -6.10
N SER A 185 -10.53 -3.00 -7.17
CA SER A 185 -11.04 -2.81 -8.52
C SER A 185 -12.36 -3.55 -8.69
N ILE A 186 -13.13 -3.13 -9.68
CA ILE A 186 -14.39 -3.77 -9.93
C ILE A 186 -14.19 -5.22 -10.35
N ASN A 187 -13.17 -5.47 -11.18
CA ASN A 187 -12.89 -6.84 -11.60
C ASN A 187 -12.51 -7.73 -10.42
N THR A 188 -11.87 -7.16 -9.41
CA THR A 188 -11.51 -7.95 -8.24
C THR A 188 -12.82 -8.42 -7.61
N HIS A 189 -13.83 -7.56 -7.64
CA HIS A 189 -15.14 -7.86 -7.07
C HIS A 189 -15.79 -9.00 -7.81
N LEU A 190 -15.49 -9.10 -9.09
CA LEU A 190 -16.05 -10.13 -9.95
C LEU A 190 -15.38 -11.49 -9.81
N GLY A 191 -14.40 -11.60 -8.91
CA GLY A 191 -13.72 -12.86 -8.72
C GLY A 191 -12.64 -13.20 -9.76
N LYS A 192 -12.22 -12.21 -10.52
CA LYS A 192 -11.18 -12.40 -11.54
C LYS A 192 -9.78 -12.29 -10.97
N GLU A 193 -8.84 -13.00 -11.59
CA GLU A 193 -7.46 -12.97 -11.17
C GLU A 193 -7.00 -11.53 -11.31
N GLN A 194 -6.25 -11.05 -10.32
CA GLN A 194 -5.75 -9.68 -10.35
C GLN A 194 -4.46 -9.59 -11.15
N SER A 195 -4.24 -8.46 -11.80
CA SER A 195 -3.02 -8.23 -12.56
C SER A 195 -2.60 -6.77 -12.35
N ARG A 196 -1.65 -6.30 -13.15
CA ARG A 196 -1.16 -4.93 -13.00
C ARG A 196 -2.26 -3.86 -12.95
N ARG A 197 -3.18 -3.89 -13.90
CA ARG A 197 -4.26 -2.93 -13.95
C ARG A 197 -4.96 -2.77 -12.60
N ASP A 198 -5.24 -3.88 -11.92
CA ASP A 198 -5.93 -3.83 -10.64
C ASP A 198 -5.22 -3.05 -9.55
N ASP A 199 -3.89 -3.04 -9.54
CA ASP A 199 -3.17 -2.26 -8.54
C ASP A 199 -3.40 -0.79 -8.82
N LEU A 200 -3.37 -0.46 -10.12
CA LEU A 200 -3.54 0.91 -10.56
C LEU A 200 -4.97 1.43 -10.37
N GLU A 201 -5.96 0.55 -10.49
CA GLU A 201 -7.33 1.00 -10.29
C GLU A 201 -7.57 1.23 -8.81
N ALA A 202 -7.00 0.37 -7.98
CA ALA A 202 -7.15 0.51 -6.54
C ALA A 202 -6.55 1.85 -6.11
N LEU A 203 -5.41 2.21 -6.68
CA LEU A 203 -4.80 3.49 -6.36
C LEU A 203 -5.75 4.63 -6.75
N GLY A 204 -6.42 4.48 -7.88
CA GLY A 204 -7.37 5.48 -8.34
C GLY A 204 -8.48 5.69 -7.32
N HIS A 205 -9.07 4.59 -6.85
CA HIS A 205 -10.13 4.66 -5.85
C HIS A 205 -9.63 5.35 -4.61
N MET A 206 -8.38 5.07 -4.23
CA MET A 206 -7.79 5.68 -3.05
C MET A 206 -7.55 7.17 -3.26
N PHE A 207 -7.14 7.56 -4.47
CA PHE A 207 -6.92 8.98 -4.76
C PHE A 207 -8.23 9.75 -4.62
N MET A 208 -9.33 9.16 -5.11
CA MET A 208 -10.63 9.82 -5.02
C MET A 208 -11.14 9.83 -3.60
N TYR A 209 -10.74 8.82 -2.84
CA TYR A 209 -11.12 8.73 -1.44
C TYR A 209 -10.49 9.90 -0.70
N PHE A 210 -9.23 10.20 -1.04
CA PHE A 210 -8.51 11.30 -0.41
C PHE A 210 -9.12 12.65 -0.81
N LEU A 211 -9.42 12.79 -2.09
CA LEU A 211 -9.97 14.04 -2.60
C LEU A 211 -11.38 14.34 -2.13
N ARG A 212 -12.24 13.33 -2.10
CA ARG A 212 -13.63 13.52 -1.70
C ARG A 212 -13.83 13.55 -0.19
N GLY A 213 -13.06 12.74 0.51
CA GLY A 213 -13.20 12.65 1.95
C GLY A 213 -13.75 11.27 2.25
N SER A 214 -14.39 10.67 1.25
CA SER A 214 -14.96 9.34 1.39
C SER A 214 -15.38 8.82 0.02
N LEU A 215 -15.71 7.53 -0.07
CA LEU A 215 -16.15 6.93 -1.32
C LEU A 215 -17.63 6.59 -1.12
N PRO A 216 -18.44 6.63 -2.19
CA PRO A 216 -19.88 6.35 -2.13
C PRO A 216 -20.37 4.92 -1.90
N TRP A 217 -19.45 3.98 -1.67
CA TRP A 217 -19.82 2.59 -1.41
C TRP A 217 -19.29 2.24 -0.03
N GLN A 218 -18.65 3.23 0.57
CA GLN A 218 -18.01 3.12 1.87
C GLN A 218 -18.84 2.65 3.05
N GLY A 219 -20.10 3.06 3.14
CA GLY A 219 -20.89 2.63 4.28
C GLY A 219 -21.74 1.38 4.12
N LEU A 220 -21.49 0.61 3.07
CA LEU A 220 -22.28 -0.58 2.81
C LEU A 220 -21.97 -1.75 3.75
N LYS A 221 -23.03 -2.27 4.37
CA LYS A 221 -22.91 -3.40 5.30
C LYS A 221 -23.76 -4.55 4.79
N ALA A 222 -23.51 -5.76 5.31
CA ALA A 222 -24.28 -6.92 4.87
C ALA A 222 -24.18 -8.05 5.90
N ASP A 223 -24.95 -9.11 5.69
CA ASP A 223 -24.95 -10.27 6.59
C ASP A 223 -23.83 -11.29 6.38
N THR A 224 -23.02 -11.10 5.35
CA THR A 224 -21.92 -12.01 5.03
C THR A 224 -20.90 -11.21 4.24
N LEU A 225 -19.61 -11.42 4.50
CA LEU A 225 -18.58 -10.68 3.76
C LEU A 225 -18.90 -10.71 2.27
N LYS A 226 -19.17 -11.91 1.75
CA LYS A 226 -19.48 -12.07 0.33
C LYS A 226 -20.56 -11.10 -0.14
N GLU A 227 -21.63 -10.97 0.64
CA GLU A 227 -22.72 -10.05 0.29
C GLU A 227 -22.23 -8.61 0.32
N ARG A 228 -21.50 -8.24 1.38
CA ARG A 228 -21.00 -6.89 1.46
C ARG A 228 -20.17 -6.65 0.20
N TYR A 229 -19.19 -7.54 -0.05
CA TYR A 229 -18.35 -7.41 -1.25
C TYR A 229 -19.23 -7.19 -2.48
N GLN A 230 -20.29 -7.98 -2.60
CA GLN A 230 -21.20 -7.89 -3.75
C GLN A 230 -21.94 -6.55 -3.85
N LYS A 231 -22.30 -5.99 -2.70
CA LYS A 231 -23.00 -4.71 -2.67
C LYS A 231 -22.06 -3.59 -3.04
N ILE A 232 -20.87 -3.61 -2.45
CA ILE A 232 -19.89 -2.59 -2.75
C ILE A 232 -19.62 -2.64 -4.25
N GLY A 233 -19.38 -3.86 -4.77
CA GLY A 233 -19.13 -4.02 -6.19
C GLY A 233 -20.23 -3.45 -7.05
N ASP A 234 -21.48 -3.73 -6.67
CA ASP A 234 -22.64 -3.24 -7.40
C ASP A 234 -22.68 -1.72 -7.44
N THR A 235 -22.36 -1.09 -6.32
CA THR A 235 -22.34 0.37 -6.24
C THR A 235 -21.20 0.97 -7.07
N LYS A 236 -20.05 0.31 -7.07
CA LYS A 236 -18.91 0.82 -7.85
C LYS A 236 -19.32 0.78 -9.32
N ARG A 237 -19.92 -0.33 -9.74
CA ARG A 237 -20.36 -0.44 -11.12
C ARG A 237 -21.51 0.52 -11.41
N ALA A 238 -22.30 0.85 -10.39
CA ALA A 238 -23.44 1.75 -10.53
C ALA A 238 -23.13 3.24 -10.35
N THR A 239 -21.88 3.57 -10.05
CA THR A 239 -21.49 4.97 -9.89
C THR A 239 -20.65 5.32 -11.11
N PRO A 240 -21.14 6.25 -11.95
CA PRO A 240 -20.40 6.66 -13.15
C PRO A 240 -19.11 7.39 -12.78
N ILE A 241 -18.03 7.03 -13.45
CA ILE A 241 -16.74 7.67 -13.17
C ILE A 241 -16.90 9.18 -13.16
N GLU A 242 -17.61 9.72 -14.14
CA GLU A 242 -17.75 11.17 -14.17
C GLU A 242 -18.49 11.70 -12.95
N VAL A 243 -19.24 10.84 -12.26
CA VAL A 243 -19.93 11.31 -11.07
C VAL A 243 -18.98 11.18 -9.88
N LEU A 244 -18.25 10.08 -9.83
CA LEU A 244 -17.30 9.84 -8.75
C LEU A 244 -16.18 10.86 -8.80
N CYS A 245 -15.68 11.13 -9.99
CA CYS A 245 -14.58 12.07 -10.17
C CYS A 245 -15.02 13.49 -10.53
N GLU A 246 -16.23 13.85 -10.14
CA GLU A 246 -16.76 15.17 -10.41
C GLU A 246 -15.75 16.22 -9.94
N ASN A 247 -15.40 17.16 -10.82
CA ASN A 247 -14.44 18.23 -10.50
C ASN A 247 -12.98 17.82 -10.64
N PHE A 248 -12.72 16.57 -10.99
CA PHE A 248 -11.35 16.10 -11.16
C PHE A 248 -11.29 15.29 -12.46
N PRO A 249 -11.31 16.00 -13.59
CA PRO A 249 -11.26 15.44 -14.94
C PRO A 249 -10.11 14.47 -15.14
N GLU A 250 -8.92 14.85 -14.67
CA GLU A 250 -7.75 14.00 -14.81
C GLU A 250 -7.96 12.66 -14.09
N MET A 251 -8.58 12.72 -12.92
CA MET A 251 -8.85 11.52 -12.15
C MET A 251 -9.81 10.63 -12.91
N ALA A 252 -10.78 11.24 -13.58
CA ALA A 252 -11.74 10.45 -14.34
C ALA A 252 -11.01 9.78 -15.50
N THR A 253 -10.10 10.52 -16.13
CA THR A 253 -9.34 9.97 -17.25
C THR A 253 -8.44 8.85 -16.77
N TYR A 254 -7.79 9.04 -15.63
CA TYR A 254 -6.93 8.01 -15.08
C TYR A 254 -7.77 6.76 -14.85
N LEU A 255 -8.85 6.92 -14.08
CA LEU A 255 -9.71 5.81 -13.72
C LEU A 255 -10.32 5.00 -14.84
N ARG A 256 -10.85 5.64 -15.88
CA ARG A 256 -11.42 4.83 -16.93
C ARG A 256 -10.34 4.25 -17.82
N TYR A 257 -9.13 4.80 -17.75
CA TYR A 257 -8.05 4.24 -18.55
C TYR A 257 -7.70 2.89 -17.91
N VAL A 258 -7.41 2.91 -16.62
CA VAL A 258 -7.06 1.66 -15.92
C VAL A 258 -8.22 0.66 -15.92
N ARG A 259 -9.45 1.13 -15.76
CA ARG A 259 -10.61 0.25 -15.77
C ARG A 259 -10.72 -0.52 -17.08
N ARG A 260 -10.31 0.13 -18.18
CA ARG A 260 -10.37 -0.48 -19.50
C ARG A 260 -9.13 -1.27 -19.90
N LEU A 261 -8.11 -1.33 -19.03
CA LEU A 261 -6.92 -2.08 -19.37
C LEU A 261 -7.23 -3.57 -19.49
N ASP A 262 -6.57 -4.22 -20.44
CA ASP A 262 -6.72 -5.64 -20.68
C ASP A 262 -6.01 -6.38 -19.54
N PHE A 263 -6.41 -7.62 -19.25
CA PHE A 263 -5.82 -8.40 -18.16
C PHE A 263 -4.31 -8.57 -18.23
N PHE A 264 -3.80 -8.84 -19.43
CA PHE A 264 -2.36 -9.05 -19.64
C PHE A 264 -1.59 -7.76 -19.92
N GLU A 265 -2.31 -6.73 -20.32
CA GLU A 265 -1.75 -5.43 -20.70
C GLU A 265 -0.78 -4.73 -19.73
N LYS A 266 0.28 -4.15 -20.28
CA LYS A 266 1.23 -3.41 -19.47
C LYS A 266 0.67 -2.01 -19.41
N PRO A 267 0.50 -1.46 -18.21
CA PRO A 267 -0.04 -0.11 -18.15
C PRO A 267 0.98 0.87 -18.71
N ASP A 268 0.51 2.00 -19.24
CA ASP A 268 1.41 3.02 -19.74
C ASP A 268 1.61 3.96 -18.55
N TYR A 269 2.57 3.62 -17.68
CA TYR A 269 2.82 4.43 -16.49
C TYR A 269 3.24 5.85 -16.83
N ASP A 270 3.97 6.04 -17.92
CA ASP A 270 4.39 7.39 -18.31
C ASP A 270 3.15 8.23 -18.62
N TYR A 271 2.19 7.64 -19.32
CA TYR A 271 0.98 8.34 -19.69
C TYR A 271 0.21 8.76 -18.44
N LEU A 272 0.10 7.85 -17.48
CA LEU A 272 -0.61 8.14 -16.23
C LEU A 272 0.06 9.20 -15.38
N ARG A 273 1.40 9.16 -15.30
CA ARG A 273 2.13 10.15 -14.53
C ARG A 273 1.96 11.52 -15.18
N LYS A 274 1.97 11.54 -16.51
CA LYS A 274 1.83 12.80 -17.22
C LYS A 274 0.46 13.47 -17.07
N LEU A 275 -0.59 12.65 -16.93
CA LEU A 275 -1.93 13.19 -16.74
C LEU A 275 -1.88 14.02 -15.47
N PHE A 276 -1.13 13.52 -14.50
CA PHE A 276 -1.04 14.19 -13.22
C PHE A 276 0.02 15.29 -13.14
N THR A 277 1.15 15.14 -13.82
CA THR A 277 2.14 16.21 -13.75
C THR A 277 1.68 17.39 -14.62
N ASP A 278 1.03 17.12 -15.75
CA ASP A 278 0.54 18.21 -16.57
C ASP A 278 -0.46 19.01 -15.72
N LEU A 279 -1.38 18.31 -15.06
CA LEU A 279 -2.38 18.96 -14.21
C LEU A 279 -1.65 19.74 -13.14
N PHE A 280 -0.71 19.07 -12.47
CA PHE A 280 0.06 19.68 -11.41
C PHE A 280 0.67 21.02 -11.88
N ASP A 281 1.32 20.99 -13.03
CA ASP A 281 1.95 22.19 -13.58
C ASP A 281 0.95 23.28 -13.93
N ARG A 282 -0.19 22.86 -14.48
CA ARG A 282 -1.23 23.80 -14.89
C ARG A 282 -1.90 24.51 -13.70
N LYS A 283 -1.97 23.85 -12.56
CA LYS A 283 -2.57 24.45 -11.38
C LYS A 283 -1.57 25.39 -10.76
N GLY A 284 -0.32 25.31 -11.23
CA GLY A 284 0.70 26.18 -10.69
C GLY A 284 1.33 25.66 -9.42
N TYR A 285 1.13 24.37 -9.14
CA TYR A 285 1.71 23.76 -7.94
C TYR A 285 3.21 23.58 -8.12
N MET A 286 3.92 23.49 -7.00
CA MET A 286 5.36 23.25 -7.01
C MET A 286 5.59 21.94 -6.26
N PHE A 287 6.20 20.96 -6.90
CA PHE A 287 6.45 19.68 -6.24
C PHE A 287 7.58 19.92 -5.23
N ASP A 288 7.21 20.40 -4.05
CA ASP A 288 8.16 20.70 -3.00
C ASP A 288 7.97 19.86 -1.75
N TYR A 289 7.22 18.77 -1.88
CA TYR A 289 6.96 17.88 -0.75
C TYR A 289 6.31 18.52 0.44
N GLU A 290 5.59 19.60 0.24
CA GLU A 290 4.93 20.20 1.38
C GLU A 290 3.48 19.76 1.30
N TYR A 291 3.24 18.60 1.89
CA TYR A 291 1.95 17.96 1.95
C TYR A 291 1.08 18.73 2.91
N ASP A 292 -0.19 18.37 2.99
CA ASP A 292 -1.10 19.03 3.90
C ASP A 292 -0.72 18.82 5.38
N TRP A 293 -0.10 17.69 5.69
CA TRP A 293 0.28 17.35 7.06
C TRP A 293 1.52 17.95 7.70
N ILE A 294 2.13 18.89 6.99
CA ILE A 294 3.37 19.55 7.44
C ILE A 294 3.27 20.60 8.56
N GLY A 295 4.22 20.54 9.50
CA GLY A 295 4.23 21.47 10.62
C GLY A 295 3.45 20.75 11.71
N LYS A 296 2.58 19.85 11.26
CA LYS A 296 1.76 19.07 12.16
C LYS A 296 2.61 18.11 12.96
N GLN A 297 2.04 17.56 13.99
CA GLN A 297 2.86 16.66 14.76
C GLN A 297 2.38 15.26 14.55
N LEU A 298 3.30 14.45 14.12
CA LEU A 298 2.90 13.09 13.80
C LEU A 298 3.21 12.16 14.95
N PRO A 299 2.74 10.92 14.82
CA PRO A 299 3.08 10.08 15.95
C PRO A 299 4.39 9.37 15.70
N THR A 300 5.04 9.05 16.80
CA THR A 300 6.27 8.32 16.69
C THR A 300 6.19 7.32 17.84
N PRO A 301 6.82 6.16 17.64
CA PRO A 301 6.84 5.11 18.68
C PRO A 301 8.07 5.37 19.53
N VAL A 302 8.98 6.16 18.97
CA VAL A 302 10.26 6.50 19.61
C VAL A 302 10.28 7.87 20.33
#